data_3C56
#
_entry.id   3C56
#
_cell.length_a   39.222
_cell.length_b   62.005
_cell.length_c   65.615
_cell.angle_alpha   82.900
_cell.angle_beta   79.770
_cell.angle_gamma   71.030
#
_symmetry.space_group_name_H-M   'P 1'
#
loop_
_entity.id
_entity.type
_entity.pdbx_description
1 polymer 'Fructose-bisphosphate aldolase'
2 non-polymer 'ZINC ION'
3 non-polymer '3-{hydroxy[(phosphonooxy)acetyl]amino}propyl dihydrogen phosphate'
4 water water
#
_entity_poly.entity_id   1
_entity_poly.type   'polypeptide(L)'
_entity_poly.pdbx_seq_one_letter_code
;MLVKGNEILLKAHKEGYGVGAFNFVNFEMLNAIFEAGNEENSPLFIQASEGAIKYMGIDMAVGMVKIMCERYPHIPVALH
LDHGTTFESCEKAVKAGFTSVMIDASHHAFEENLELTSKVVKMAHNAGVSVEAELGRLMGIEDNISVDEKDAVLVNPKEA
EQFVKESQVDYLAPAIGTSHGAFKFKGEPKLDFERLQEVKRLTNIPLVLHGASAIPDNVRKSYLDAGGDLKGSKGVPFEF
LQESVKGGINKVNTDTDLRIAFIAEVRKVANEDKSQFDLRKFFSPAQLALKNVVKERMKLLGSANKI
;
_entity_poly.pdbx_strand_id   A,B
#
loop_
_chem_comp.id
_chem_comp.type
_chem_comp.name
_chem_comp.formula
PH4 non-polymer '3-{hydroxy[(phosphonooxy)acetyl]amino}propyl dihydrogen phosphate' 'C5 H13 N O10 P2'
ZN non-polymer 'ZINC ION' 'Zn 2'
#
# COMPACT_ATOMS: atom_id res chain seq x y z
N MET A 1 -18.39 -1.13 5.86
CA MET A 1 -18.69 0.16 6.47
C MET A 1 -18.24 0.20 7.93
N LEU A 2 -17.57 1.28 8.32
CA LEU A 2 -17.05 1.41 9.67
C LEU A 2 -18.16 1.28 10.70
N VAL A 3 -17.90 0.47 11.72
CA VAL A 3 -18.83 0.31 12.84
C VAL A 3 -18.02 0.35 14.14
N LYS A 4 -18.64 0.87 15.20
CA LYS A 4 -17.97 0.92 16.49
C LYS A 4 -17.54 -0.48 16.89
N GLY A 5 -16.28 -0.61 17.30
CA GLY A 5 -15.72 -1.91 17.65
C GLY A 5 -16.60 -2.70 18.60
N ASN A 6 -17.34 -1.99 19.44
CA ASN A 6 -18.22 -2.62 20.42
C ASN A 6 -19.37 -3.36 19.75
N GLU A 7 -19.86 -2.82 18.64
CA GLU A 7 -20.95 -3.42 17.90
C GLU A 7 -20.60 -4.84 17.45
N ILE A 8 -19.36 -5.04 17.04
CA ILE A 8 -18.88 -6.34 16.58
C ILE A 8 -18.59 -7.28 17.75
N LEU A 9 -17.93 -6.75 18.78
CA LEU A 9 -17.49 -7.57 19.91
C LEU A 9 -18.63 -7.97 20.86
N LEU A 10 -19.62 -7.11 20.99
CA LEU A 10 -20.76 -7.42 21.86
C LEU A 10 -21.55 -8.62 21.35
N LYS A 11 -21.63 -8.75 20.02
CA LYS A 11 -22.29 -9.89 19.41
C LYS A 11 -21.47 -11.16 19.65
N ALA A 12 -20.17 -11.04 19.51
CA ALA A 12 -19.26 -12.17 19.75
C ALA A 12 -19.30 -12.58 21.22
N HIS A 13 -19.35 -11.58 22.10
CA HIS A 13 -19.37 -11.83 23.53
C HIS A 13 -20.61 -12.61 23.96
N LYS A 14 -21.76 -12.26 23.40
CA LYS A 14 -23.02 -12.87 23.82
C LYS A 14 -23.33 -14.16 23.06
N GLU A 15 -22.63 -14.39 21.96
CA GLU A 15 -22.83 -15.60 21.17
C GLU A 15 -21.71 -16.60 21.39
N GLY A 16 -20.65 -16.16 22.06
CA GLY A 16 -19.57 -17.06 22.44
C GLY A 16 -18.61 -17.45 21.34
N TYR A 17 -18.19 -16.48 20.53
CA TYR A 17 -17.19 -16.73 19.51
C TYR A 17 -16.15 -15.61 19.47
N GLY A 18 -15.06 -15.85 18.74
CA GLY A 18 -13.97 -14.89 18.69
C GLY A 18 -13.82 -14.23 17.33
N VAL A 19 -13.56 -12.93 17.34
CA VAL A 19 -13.33 -12.18 16.11
C VAL A 19 -11.85 -11.82 15.99
N GLY A 20 -11.26 -12.16 14.85
CA GLY A 20 -9.85 -11.90 14.64
C GLY A 20 -9.54 -10.43 14.45
N ALA A 21 -8.58 -9.93 15.22
CA ALA A 21 -8.12 -8.56 15.08
C ALA A 21 -6.80 -8.54 14.32
N PHE A 22 -6.88 -8.22 13.03
CA PHE A 22 -5.71 -8.32 12.16
C PHE A 22 -5.05 -6.98 11.89
N ASN A 23 -3.76 -6.89 12.18
CA ASN A 23 -2.99 -5.67 11.94
C ASN A 23 -2.62 -5.51 10.48
N PHE A 24 -2.42 -4.26 10.04
CA PHE A 24 -1.97 -3.99 8.69
C PHE A 24 -1.06 -2.76 8.67
N VAL A 25 -0.23 -2.65 7.64
CA VAL A 25 0.69 -1.53 7.53
C VAL A 25 0.66 -0.92 6.13
N ASN A 26 -0.05 -1.55 5.21
CA ASN A 26 -0.17 -1.03 3.86
C ASN A 26 -1.36 -1.60 3.09
N PHE A 27 -1.41 -1.34 1.79
CA PHE A 27 -2.51 -1.77 0.95
C PHE A 27 -2.59 -3.29 0.83
N GLU A 28 -1.47 -3.93 0.54
CA GLU A 28 -1.43 -5.38 0.35
C GLU A 28 -2.04 -6.15 1.52
N MET A 29 -1.57 -5.83 2.73
CA MET A 29 -2.08 -6.49 3.93
C MET A 29 -3.57 -6.25 4.11
N LEU A 30 -3.98 -5.00 3.93
CA LEU A 30 -5.39 -4.62 4.12
C LEU A 30 -6.30 -5.32 3.12
N ASN A 31 -5.88 -5.34 1.85
CA ASN A 31 -6.67 -5.96 0.79
C ASN A 31 -6.89 -7.45 1.03
N ALA A 32 -5.82 -8.14 1.44
CA ALA A 32 -5.89 -9.57 1.69
C ALA A 32 -6.80 -9.89 2.87
N ILE A 33 -6.84 -8.98 3.84
CA ILE A 33 -7.69 -9.16 5.02
C ILE A 33 -9.16 -9.00 4.67
N PHE A 34 -9.47 -7.99 3.85
CA PHE A 34 -10.85 -7.74 3.41
C PHE A 34 -11.38 -8.89 2.57
N GLU A 35 -10.57 -9.36 1.62
CA GLU A 35 -10.98 -10.45 0.75
C GLU A 35 -11.19 -11.74 1.56
N ALA A 36 -10.48 -11.85 2.67
CA ALA A 36 -10.66 -13.01 3.56
C ALA A 36 -12.01 -12.93 4.26
N GLY A 37 -12.34 -11.75 4.77
CA GLY A 37 -13.61 -11.54 5.44
C GLY A 37 -14.79 -11.66 4.49
N ASN A 38 -14.55 -11.32 3.23
CA ASN A 38 -15.58 -11.41 2.20
C ASN A 38 -15.84 -12.86 1.79
N GLU A 39 -14.76 -13.62 1.65
CA GLU A 39 -14.86 -15.01 1.22
C GLU A 39 -15.30 -15.92 2.36
N GLU A 40 -15.14 -15.44 3.59
CA GLU A 40 -15.52 -16.22 4.77
C GLU A 40 -16.76 -15.66 5.46
N ASN A 41 -17.34 -14.62 4.88
CA ASN A 41 -18.52 -13.99 5.46
C ASN A 41 -18.33 -13.69 6.94
N SER A 42 -17.19 -13.11 7.28
CA SER A 42 -16.85 -12.83 8.67
C SER A 42 -16.71 -11.34 8.94
N PRO A 43 -17.16 -10.91 10.13
CA PRO A 43 -16.95 -9.53 10.58
C PRO A 43 -15.46 -9.21 10.60
N LEU A 44 -15.10 -7.96 10.32
CA LEU A 44 -13.68 -7.59 10.25
C LEU A 44 -13.26 -6.62 11.35
N PHE A 45 -12.24 -7.01 12.10
CA PHE A 45 -11.65 -6.12 13.09
C PHE A 45 -10.24 -5.76 12.64
N ILE A 46 -10.10 -4.54 12.13
CA ILE A 46 -8.84 -4.08 11.57
C ILE A 46 -8.18 -3.07 12.50
N GLN A 47 -6.95 -3.35 12.89
CA GLN A 47 -6.23 -2.48 13.82
C GLN A 47 -4.86 -2.06 13.31
N ALA A 48 -4.40 -0.90 13.79
CA ALA A 48 -3.08 -0.38 13.43
C ALA A 48 -2.35 0.15 14.65
N SER A 49 -1.11 -0.33 14.83
CA SER A 49 -0.27 0.14 15.92
C SER A 49 0.15 1.58 15.67
N GLU A 50 0.73 2.21 16.68
CA GLU A 50 1.24 3.57 16.55
C GLU A 50 2.40 3.60 15.55
N GLY A 51 3.11 2.48 15.45
CA GLY A 51 4.19 2.35 14.50
C GLY A 51 3.67 2.25 13.08
N ALA A 52 2.54 1.59 12.92
CA ALA A 52 1.90 1.46 11.61
C ALA A 52 1.34 2.80 11.15
N ILE A 53 0.75 3.54 12.09
CA ILE A 53 0.21 4.86 11.80
C ILE A 53 1.32 5.84 11.42
N LYS A 54 2.46 5.72 12.09
CA LYS A 54 3.62 6.54 11.77
C LYS A 54 4.07 6.26 10.35
N TYR A 55 4.08 4.98 9.99
CA TYR A 55 4.53 4.52 8.68
C TYR A 55 3.59 4.94 7.56
N MET A 56 2.29 4.82 7.81
CA MET A 56 1.29 5.14 6.80
C MET A 56 0.86 6.60 6.82
N GLY A 57 0.68 7.14 8.02
CA GLY A 57 0.03 8.42 8.18
C GLY A 57 -1.42 8.15 8.50
N ILE A 58 -1.89 8.62 9.65
CA ILE A 58 -3.23 8.28 10.13
C ILE A 58 -4.33 8.65 9.11
N ASP A 59 -4.02 9.59 8.23
CA ASP A 59 -4.96 9.98 7.19
C ASP A 59 -5.08 8.90 6.12
N MET A 60 -3.96 8.27 5.79
CA MET A 60 -3.95 7.19 4.80
C MET A 60 -4.52 5.91 5.40
N ALA A 61 -4.15 5.63 6.64
CA ALA A 61 -4.64 4.46 7.34
C ALA A 61 -6.16 4.42 7.34
N VAL A 62 -6.77 5.52 7.76
CA VAL A 62 -8.23 5.63 7.80
C VAL A 62 -8.81 5.72 6.39
N GLY A 63 -8.10 6.44 5.52
CA GLY A 63 -8.56 6.64 4.15
C GLY A 63 -8.68 5.36 3.37
N MET A 64 -7.68 4.48 3.51
CA MET A 64 -7.66 3.22 2.79
C MET A 64 -8.78 2.28 3.27
N VAL A 65 -9.03 2.28 4.56
CA VAL A 65 -10.07 1.43 5.14
C VAL A 65 -11.45 1.85 4.64
N LYS A 66 -11.69 3.15 4.60
CA LYS A 66 -12.98 3.66 4.14
C LYS A 66 -13.25 3.28 2.69
N ILE A 67 -12.21 3.28 1.87
CA ILE A 67 -12.33 2.87 0.47
C ILE A 67 -12.66 1.39 0.36
N MET A 68 -12.03 0.58 1.21
CA MET A 68 -12.29 -0.85 1.24
C MET A 68 -13.71 -1.15 1.72
N CYS A 69 -14.21 -0.33 2.64
CA CYS A 69 -15.55 -0.50 3.18
C CYS A 69 -16.59 -0.22 2.11
N GLU A 70 -16.24 0.68 1.20
CA GLU A 70 -17.14 1.05 0.11
C GLU A 70 -17.28 -0.07 -0.92
N ARG A 71 -16.20 -0.80 -1.17
CA ARG A 71 -16.20 -1.91 -2.12
C ARG A 71 -16.66 -3.20 -1.45
N TYR A 72 -16.88 -3.13 -0.14
CA TYR A 72 -17.47 -4.22 0.62
C TYR A 72 -18.45 -3.66 1.66
N PRO A 73 -19.59 -3.14 1.20
CA PRO A 73 -20.61 -2.48 2.04
C PRO A 73 -21.38 -3.45 2.94
N HIS A 74 -21.19 -4.76 2.77
CA HIS A 74 -21.99 -5.72 3.54
C HIS A 74 -21.22 -6.30 4.71
N ILE A 75 -19.95 -5.92 4.83
CA ILE A 75 -19.08 -6.45 5.87
C ILE A 75 -18.87 -5.43 6.99
N PRO A 76 -19.29 -5.78 8.21
CA PRO A 76 -19.05 -4.95 9.39
C PRO A 76 -17.55 -4.78 9.64
N VAL A 77 -17.07 -3.54 9.68
CA VAL A 77 -15.65 -3.27 9.82
C VAL A 77 -15.34 -2.32 10.97
N ALA A 78 -14.47 -2.75 11.88
CA ALA A 78 -14.06 -1.92 13.00
C ALA A 78 -12.61 -1.48 12.84
N LEU A 79 -12.40 -0.17 12.85
CA LEU A 79 -11.04 0.38 12.76
C LEU A 79 -10.52 0.63 14.17
N HIS A 80 -9.46 -0.08 14.54
CA HIS A 80 -8.97 -0.08 15.92
C HIS A 80 -7.53 0.42 16.06
N LEU A 81 -7.31 1.32 17.01
CA LEU A 81 -5.96 1.76 17.34
C LEU A 81 -5.32 0.76 18.28
N ASP A 82 -4.25 0.12 17.82
CA ASP A 82 -3.59 -0.93 18.58
C ASP A 82 -2.46 -0.38 19.44
N HIS A 83 -2.60 -0.55 20.76
CA HIS A 83 -1.58 -0.13 21.71
C HIS A 83 -1.31 1.37 21.68
N GLY A 84 -2.35 2.16 21.91
CA GLY A 84 -2.20 3.58 22.09
C GLY A 84 -1.52 3.84 23.42
N THR A 85 -0.46 4.64 23.40
CA THR A 85 0.36 4.83 24.59
C THR A 85 0.03 6.12 25.35
N THR A 86 -0.74 7.01 24.72
CA THR A 86 -1.09 8.28 25.33
C THR A 86 -2.53 8.69 25.05
N PHE A 87 -3.05 9.60 25.88
CA PHE A 87 -4.38 10.18 25.68
C PHE A 87 -4.40 10.93 24.35
N GLU A 88 -3.36 11.69 24.09
CA GLU A 88 -3.27 12.46 22.85
C GLU A 88 -3.30 11.55 21.63
N SER A 89 -2.59 10.42 21.71
CA SER A 89 -2.56 9.47 20.61
C SER A 89 -3.95 8.91 20.36
N CYS A 90 -4.65 8.54 21.43
CA CYS A 90 -6.01 8.03 21.32
C CYS A 90 -6.96 9.11 20.81
N GLU A 91 -6.70 10.35 21.20
CA GLU A 91 -7.54 11.48 20.79
C GLU A 91 -7.38 11.74 19.30
N LYS A 92 -6.18 11.52 18.78
CA LYS A 92 -5.91 11.72 17.35
C LYS A 92 -6.62 10.66 16.52
N ALA A 93 -6.59 9.42 17.00
CA ALA A 93 -7.27 8.32 16.32
C ALA A 93 -8.78 8.58 16.25
N VAL A 94 -9.34 9.04 17.36
CA VAL A 94 -10.77 9.35 17.43
C VAL A 94 -11.16 10.40 16.39
N LYS A 95 -10.35 11.45 16.30
CA LYS A 95 -10.61 12.53 15.36
C LYS A 95 -10.36 12.12 13.92
N ALA A 96 -9.49 11.14 13.73
CA ALA A 96 -9.13 10.68 12.39
C ALA A 96 -10.21 9.77 11.80
N GLY A 97 -11.03 9.17 12.65
CA GLY A 97 -12.13 8.36 12.17
C GLY A 97 -12.15 6.95 12.71
N PHE A 98 -11.22 6.64 13.61
CA PHE A 98 -11.16 5.33 14.23
C PHE A 98 -12.45 5.05 14.99
N THR A 99 -12.87 3.79 15.01
CA THR A 99 -14.10 3.39 15.69
C THR A 99 -13.78 2.67 17.00
N SER A 100 -12.50 2.42 17.24
CA SER A 100 -12.06 1.74 18.45
C SER A 100 -10.62 2.09 18.76
N VAL A 101 -10.31 2.29 20.05
CA VAL A 101 -8.95 2.62 20.46
C VAL A 101 -8.55 1.82 21.70
N MET A 102 -7.26 1.48 21.77
CA MET A 102 -6.72 0.82 22.95
C MET A 102 -5.77 1.75 23.69
N ILE A 103 -5.97 1.88 24.99
CA ILE A 103 -5.07 2.69 25.81
C ILE A 103 -4.24 1.77 26.71
N ASP A 104 -3.02 1.47 26.27
CA ASP A 104 -2.15 0.56 26.99
C ASP A 104 -1.34 1.26 28.07
N ALA A 105 -1.79 1.12 29.31
CA ALA A 105 -1.09 1.69 30.46
C ALA A 105 -0.88 0.61 31.52
N SER A 106 -0.75 -0.64 31.07
CA SER A 106 -0.64 -1.77 31.98
C SER A 106 0.68 -1.78 32.73
N HIS A 107 1.63 -0.95 32.28
CA HIS A 107 2.92 -0.87 32.94
C HIS A 107 2.85 0.02 34.18
N HIS A 108 1.76 0.76 34.30
CA HIS A 108 1.53 1.62 35.46
C HIS A 108 0.90 0.84 36.60
N ALA A 109 0.89 1.43 37.79
CA ALA A 109 0.18 0.87 38.93
C ALA A 109 -1.32 0.93 38.63
N PHE A 110 -2.10 0.17 39.37
CA PHE A 110 -3.54 0.12 39.16
C PHE A 110 -4.16 1.51 39.04
N GLU A 111 -3.86 2.36 40.02
CA GLU A 111 -4.46 3.69 40.10
C GLU A 111 -4.18 4.54 38.86
N GLU A 112 -2.92 4.56 38.42
CA GLU A 112 -2.55 5.32 37.23
C GLU A 112 -3.23 4.78 35.97
N ASN A 113 -3.14 3.48 35.79
CA ASN A 113 -3.79 2.83 34.65
C ASN A 113 -5.28 3.16 34.60
N LEU A 114 -5.90 3.17 35.76
CA LEU A 114 -7.34 3.46 35.85
C LEU A 114 -7.62 4.92 35.52
N GLU A 115 -6.79 5.81 36.06
CA GLU A 115 -6.96 7.24 35.83
C GLU A 115 -6.88 7.59 34.35
N LEU A 116 -5.85 7.08 33.68
CA LEU A 116 -5.64 7.35 32.26
C LEU A 116 -6.74 6.73 31.41
N THR A 117 -7.04 5.47 31.66
CA THR A 117 -8.08 4.76 30.91
C THR A 117 -9.41 5.48 31.00
N SER A 118 -9.77 5.92 32.20
CA SER A 118 -11.03 6.62 32.43
C SER A 118 -11.10 7.92 31.62
N LYS A 119 -9.99 8.64 31.57
CA LYS A 119 -9.93 9.89 30.81
C LYS A 119 -10.13 9.62 29.32
N VAL A 120 -9.49 8.56 28.84
CA VAL A 120 -9.63 8.14 27.44
C VAL A 120 -11.05 7.68 27.15
N VAL A 121 -11.63 6.97 28.12
CA VAL A 121 -12.99 6.45 27.98
C VAL A 121 -14.01 7.58 27.85
N LYS A 122 -13.88 8.59 28.70
CA LYS A 122 -14.80 9.71 28.69
C LYS A 122 -14.75 10.44 27.35
N MET A 123 -13.54 10.56 26.81
CA MET A 123 -13.34 11.25 25.54
C MET A 123 -13.87 10.40 24.37
N ALA A 124 -13.46 9.15 24.32
CA ALA A 124 -13.84 8.25 23.24
C ALA A 124 -15.34 8.02 23.20
N HIS A 125 -15.92 7.80 24.38
CA HIS A 125 -17.35 7.55 24.51
C HIS A 125 -18.16 8.78 24.09
N ASN A 126 -17.57 9.96 24.22
CA ASN A 126 -18.23 11.20 23.82
C ASN A 126 -18.34 11.31 22.30
N ALA A 127 -17.46 10.59 21.60
CA ALA A 127 -17.46 10.61 20.14
C ALA A 127 -18.00 9.30 19.57
N GLY A 128 -18.56 8.48 20.43
CA GLY A 128 -19.11 7.19 20.01
C GLY A 128 -18.04 6.22 19.56
N VAL A 129 -16.95 6.18 20.32
CA VAL A 129 -15.83 5.27 20.03
C VAL A 129 -15.57 4.33 21.20
N SER A 130 -15.37 3.05 20.89
CA SER A 130 -15.13 2.06 21.92
C SER A 130 -13.69 2.08 22.42
N VAL A 131 -13.48 1.56 23.62
CA VAL A 131 -12.15 1.60 24.24
C VAL A 131 -11.72 0.24 24.77
N GLU A 132 -10.43 -0.06 24.59
CA GLU A 132 -9.83 -1.26 25.15
C GLU A 132 -8.72 -0.89 26.12
N ALA A 133 -8.58 -1.67 27.20
CA ALA A 133 -7.52 -1.45 28.16
C ALA A 133 -6.85 -2.77 28.50
N GLU A 134 -5.79 -2.71 29.25
CA GLU A 134 -5.04 -3.92 29.57
C GLU A 134 -4.58 -3.97 31.03
N LEU A 135 -4.80 -5.12 31.68
CA LEU A 135 -4.31 -5.35 33.05
C LEU A 135 -3.34 -6.53 33.06
N GLY A 136 -2.17 -6.32 33.65
CA GLY A 136 -1.11 -7.31 33.62
C GLY A 136 -0.10 -7.02 32.53
N ARG A 137 1.07 -7.62 32.66
CA ARG A 137 2.16 -7.38 31.74
C ARG A 137 2.25 -8.49 30.72
N LEU A 138 2.32 -8.13 29.44
CA LEU A 138 2.39 -9.12 28.37
C LEU A 138 3.74 -9.82 28.36
N MET A 139 3.91 -10.81 29.23
CA MET A 139 5.17 -11.53 29.31
C MET A 139 4.97 -13.03 29.40
N GLY A 140 6.00 -13.76 28.97
CA GLY A 140 5.98 -15.20 28.99
C GLY A 140 6.50 -15.73 30.30
N ILE A 141 6.35 -17.03 30.52
CA ILE A 141 6.81 -17.64 31.76
C ILE A 141 8.06 -18.49 31.56
N ALA A 152 3.70 -10.10 40.74
CA ALA A 152 2.82 -10.78 39.79
C ALA A 152 2.68 -10.03 38.45
N VAL A 153 2.70 -10.79 37.36
CA VAL A 153 2.54 -10.26 36.00
C VAL A 153 1.18 -10.61 35.38
N LEU A 154 0.60 -11.73 35.78
CA LEU A 154 -0.72 -12.12 35.31
C LEU A 154 -1.81 -11.23 35.94
N VAL A 155 -2.95 -11.08 35.26
CA VAL A 155 -4.05 -10.23 35.72
C VAL A 155 -4.63 -10.68 37.08
N ASN A 156 -4.92 -9.71 37.95
CA ASN A 156 -5.69 -9.96 39.17
C ASN A 156 -7.20 -9.83 38.91
N PRO A 157 -7.92 -10.97 38.92
CA PRO A 157 -9.35 -11.02 38.56
C PRO A 157 -10.16 -9.95 39.29
N LYS A 158 -9.90 -9.79 40.59
CA LYS A 158 -10.62 -8.80 41.37
C LYS A 158 -10.26 -7.38 40.92
N GLU A 159 -9.01 -7.26 40.56
CA GLU A 159 -8.53 -5.96 40.12
C GLU A 159 -9.20 -5.60 38.80
N ALA A 160 -9.39 -6.61 37.95
CA ALA A 160 -10.07 -6.42 36.67
C ALA A 160 -11.52 -6.03 36.88
N GLU A 161 -12.16 -6.63 37.88
CA GLU A 161 -13.56 -6.34 38.17
C GLU A 161 -13.75 -4.87 38.49
N GLN A 162 -12.99 -4.36 39.45
CA GLN A 162 -13.08 -2.96 39.85
C GLN A 162 -12.67 -2.04 38.70
N PHE A 163 -11.60 -2.42 38.00
CA PHE A 163 -11.09 -1.63 36.90
C PHE A 163 -12.17 -1.40 35.84
N VAL A 164 -12.80 -2.48 35.40
CA VAL A 164 -13.88 -2.39 34.42
C VAL A 164 -15.07 -1.61 34.96
N LYS A 165 -15.43 -1.91 36.20
CA LYS A 165 -16.59 -1.30 36.85
C LYS A 165 -16.46 0.21 37.05
N GLU A 166 -15.22 0.66 37.25
CA GLU A 166 -14.97 2.08 37.52
C GLU A 166 -14.64 2.88 36.27
N SER A 167 -13.94 2.26 35.33
CA SER A 167 -13.52 2.95 34.10
C SER A 167 -14.64 2.92 33.05
N GLN A 168 -15.48 1.89 33.11
CA GLN A 168 -16.53 1.68 32.12
C GLN A 168 -15.94 1.42 30.74
N VAL A 169 -14.74 0.84 30.72
CA VAL A 169 -14.10 0.46 29.46
C VAL A 169 -14.93 -0.62 28.77
N ASP A 170 -14.88 -0.64 27.44
CA ASP A 170 -15.70 -1.55 26.65
C ASP A 170 -15.16 -2.99 26.66
N TYR A 171 -13.88 -3.16 26.37
CA TYR A 171 -13.25 -4.47 26.48
C TYR A 171 -11.90 -4.42 27.20
N LEU A 172 -11.49 -5.58 27.73
CA LEU A 172 -10.28 -5.67 28.55
C LEU A 172 -9.35 -6.77 28.05
N ALA A 173 -8.05 -6.48 28.04
CA ALA A 173 -7.06 -7.47 27.65
C ALA A 173 -6.29 -7.99 28.85
N PRO A 174 -6.74 -9.12 29.42
CA PRO A 174 -6.13 -9.73 30.60
C PRO A 174 -4.86 -10.50 30.25
N ALA A 175 -3.79 -10.28 31.02
CA ALA A 175 -2.55 -11.00 30.82
C ALA A 175 -2.67 -12.41 31.38
N ILE A 176 -2.57 -13.41 30.52
CA ILE A 176 -2.72 -14.79 30.95
C ILE A 176 -1.56 -15.70 30.48
N GLY A 177 -0.59 -15.11 29.80
CA GLY A 177 0.61 -15.85 29.43
C GLY A 177 1.18 -15.58 28.06
N THR A 178 0.40 -14.92 27.20
CA THR A 178 0.83 -14.69 25.83
C THR A 178 1.81 -13.51 25.71
N SER A 179 2.38 -13.36 24.52
CA SER A 179 3.31 -12.27 24.24
C SER A 179 3.46 -12.09 22.74
N HIS A 180 3.93 -10.91 22.32
CA HIS A 180 4.10 -10.64 20.90
C HIS A 180 5.36 -11.29 20.35
N GLY A 181 5.40 -11.52 19.04
CA GLY A 181 6.55 -12.10 18.40
C GLY A 181 6.35 -13.57 18.06
N ALA A 182 7.31 -14.14 17.35
CA ALA A 182 7.23 -15.55 16.96
C ALA A 182 7.75 -16.47 18.05
N PHE A 183 8.33 -15.89 19.09
CA PHE A 183 8.94 -16.68 20.17
C PHE A 183 8.20 -16.45 21.49
N LYS A 184 7.06 -17.12 21.64
CA LYS A 184 6.21 -16.94 22.81
C LYS A 184 6.52 -17.97 23.89
N PHE A 185 6.71 -19.22 23.49
CA PHE A 185 6.89 -20.31 24.45
C PHE A 185 8.25 -20.99 24.32
N LYS A 186 8.99 -21.00 25.42
CA LYS A 186 10.27 -21.69 25.48
C LYS A 186 10.07 -23.07 26.10
N GLY A 187 9.42 -23.95 25.36
CA GLY A 187 9.12 -25.29 25.84
C GLY A 187 7.64 -25.61 25.65
N GLU A 188 6.99 -26.06 26.72
CA GLU A 188 5.58 -26.38 26.68
C GLU A 188 4.71 -25.12 26.73
N PRO A 189 3.87 -24.92 25.70
CA PRO A 189 2.91 -23.81 25.70
C PRO A 189 2.01 -23.91 26.93
N LYS A 190 1.74 -22.78 27.57
CA LYS A 190 0.97 -22.79 28.80
C LYS A 190 0.26 -21.46 29.04
N LEU A 191 -1.07 -21.50 29.09
CA LEU A 191 -1.86 -20.32 29.40
C LEU A 191 -2.73 -20.57 30.64
N ASP A 192 -2.97 -19.51 31.40
CA ASP A 192 -3.78 -19.63 32.61
C ASP A 192 -5.26 -19.47 32.29
N PHE A 193 -5.88 -20.56 31.86
CA PHE A 193 -7.29 -20.54 31.46
C PHE A 193 -8.23 -20.42 32.66
N GLU A 194 -7.75 -20.83 33.83
CA GLU A 194 -8.54 -20.69 35.06
C GLU A 194 -8.64 -19.23 35.44
N ARG A 195 -7.54 -18.50 35.31
CA ARG A 195 -7.51 -17.08 35.59
C ARG A 195 -8.34 -16.32 34.58
N LEU A 196 -8.35 -16.81 33.34
CA LEU A 196 -9.12 -16.21 32.26
C LEU A 196 -10.61 -16.26 32.53
N GLN A 197 -11.07 -17.42 33.02
CA GLN A 197 -12.50 -17.63 33.25
C GLN A 197 -13.03 -16.85 34.45
N GLU A 198 -12.18 -16.61 35.43
CA GLU A 198 -12.56 -15.79 36.58
C GLU A 198 -12.75 -14.34 36.18
N VAL A 199 -11.84 -13.84 35.33
CA VAL A 199 -11.94 -12.47 34.82
C VAL A 199 -13.23 -12.30 34.03
N LYS A 200 -13.53 -13.28 33.19
CA LYS A 200 -14.73 -13.25 32.37
C LYS A 200 -15.98 -13.22 33.24
N ARG A 201 -15.96 -13.99 34.33
CA ARG A 201 -17.11 -14.08 35.22
C ARG A 201 -17.31 -12.79 36.01
N LEU A 202 -16.20 -12.17 36.39
CA LEU A 202 -16.26 -10.97 37.23
C LEU A 202 -16.52 -9.69 36.42
N THR A 203 -16.11 -9.68 35.16
CA THR A 203 -16.27 -8.49 34.32
C THR A 203 -17.51 -8.57 33.44
N ASN A 204 -17.73 -9.73 32.83
CA ASN A 204 -18.88 -9.93 31.95
C ASN A 204 -18.85 -9.00 30.74
N ILE A 205 -17.66 -8.84 30.16
CA ILE A 205 -17.48 -8.02 28.97
C ILE A 205 -16.62 -8.76 27.95
N PRO A 206 -16.57 -8.27 26.71
CA PRO A 206 -15.69 -8.86 25.70
C PRO A 206 -14.23 -8.79 26.17
N LEU A 207 -13.52 -9.91 26.08
CA LEU A 207 -12.11 -9.95 26.47
C LEU A 207 -11.22 -10.00 25.25
N VAL A 208 -9.99 -9.51 25.39
CA VAL A 208 -9.05 -9.48 24.26
C VAL A 208 -7.76 -10.25 24.57
N LEU A 209 -7.31 -11.04 23.61
CA LEU A 209 -6.07 -11.80 23.76
C LEU A 209 -4.98 -11.24 22.85
N HIS A 210 -3.90 -10.77 23.45
CA HIS A 210 -2.78 -10.23 22.70
C HIS A 210 -1.76 -11.32 22.39
N GLY A 211 -0.89 -11.06 21.43
CA GLY A 211 0.12 -12.03 21.03
C GLY A 211 -0.47 -13.40 20.83
N ALA A 212 -1.49 -13.50 19.98
CA ALA A 212 -2.22 -14.74 19.81
C ALA A 212 -1.96 -15.42 18.47
N SER A 213 -0.82 -15.11 17.86
CA SER A 213 -0.43 -15.78 16.63
C SER A 213 -0.07 -17.24 16.91
N ALA A 214 -0.39 -18.12 15.97
CA ALA A 214 -0.21 -19.55 16.16
C ALA A 214 1.05 -20.06 15.46
N ILE A 215 1.49 -19.33 14.45
CA ILE A 215 2.60 -19.76 13.61
C ILE A 215 2.32 -21.16 13.06
N PRO A 216 1.26 -21.29 12.24
CA PRO A 216 0.87 -22.57 11.66
C PRO A 216 2.04 -23.25 10.96
N ASP A 217 2.02 -24.58 10.90
CA ASP A 217 3.12 -25.34 10.32
C ASP A 217 3.36 -25.05 8.84
N ASN A 218 2.27 -24.87 8.09
CA ASN A 218 2.37 -24.57 6.67
C ASN A 218 3.00 -23.21 6.43
N VAL A 219 2.81 -22.30 7.39
CA VAL A 219 3.41 -20.96 7.31
C VAL A 219 4.88 -21.02 7.69
N ARG A 220 5.18 -21.81 8.73
CA ARG A 220 6.55 -22.01 9.17
C ARG A 220 7.38 -22.65 8.07
N LYS A 221 6.87 -23.74 7.53
CA LYS A 221 7.52 -24.46 6.45
C LYS A 221 7.80 -23.55 5.26
N SER A 222 6.78 -22.79 4.87
CA SER A 222 6.89 -21.87 3.74
C SER A 222 8.02 -20.86 3.94
N TYR A 223 8.10 -20.31 5.14
CA TYR A 223 9.14 -19.33 5.46
C TYR A 223 10.53 -19.96 5.42
N LEU A 224 10.65 -21.15 5.98
CA LEU A 224 11.93 -21.85 6.02
C LEU A 224 12.39 -22.22 4.61
N ASP A 225 11.44 -22.61 3.76
CA ASP A 225 11.75 -22.98 2.39
C ASP A 225 12.36 -21.83 1.60
N ALA A 226 11.76 -20.65 1.74
CA ALA A 226 12.21 -19.47 1.03
C ALA A 226 13.52 -18.93 1.60
N GLY A 227 14.17 -19.73 2.44
CA GLY A 227 15.44 -19.35 3.02
C GLY A 227 15.28 -18.46 4.24
N GLY A 228 14.11 -18.54 4.87
CA GLY A 228 13.83 -17.75 6.05
C GLY A 228 14.39 -18.40 7.31
N ASP A 229 14.47 -17.63 8.38
CA ASP A 229 15.04 -18.12 9.64
C ASP A 229 14.11 -17.93 10.83
N LEU A 230 13.39 -18.99 11.21
CA LEU A 230 12.58 -18.97 12.40
C LEU A 230 13.35 -19.65 13.53
N LYS A 231 14.01 -18.84 14.35
CA LYS A 231 14.92 -19.34 15.38
C LYS A 231 14.20 -19.94 16.58
N GLY A 232 13.69 -21.16 16.41
CA GLY A 232 12.99 -21.83 17.49
C GLY A 232 11.72 -21.08 17.86
N SER A 233 11.05 -20.53 16.86
CA SER A 233 9.82 -19.79 17.08
C SER A 233 8.66 -20.73 17.42
N LYS A 234 7.76 -20.27 18.27
CA LYS A 234 6.58 -21.04 18.65
C LYS A 234 5.44 -20.13 19.07
N GLY A 235 4.26 -20.36 18.50
CA GLY A 235 3.10 -19.53 18.80
C GLY A 235 2.07 -20.27 19.62
N VAL A 236 0.87 -19.71 19.68
CA VAL A 236 -0.24 -20.30 20.43
C VAL A 236 -0.91 -21.40 19.61
N PRO A 237 -0.85 -22.66 20.10
CA PRO A 237 -1.46 -23.79 19.40
C PRO A 237 -2.93 -23.53 19.08
N PHE A 238 -3.41 -24.08 17.97
CA PHE A 238 -4.80 -23.89 17.57
C PHE A 238 -5.77 -24.27 18.68
N GLU A 239 -5.39 -25.27 19.47
CA GLU A 239 -6.23 -25.76 20.56
C GLU A 239 -6.36 -24.71 21.66
N PHE A 240 -5.24 -24.03 21.96
CA PHE A 240 -5.23 -22.98 22.95
C PHE A 240 -6.12 -21.81 22.56
N LEU A 241 -6.09 -21.43 21.29
CA LEU A 241 -6.91 -20.35 20.79
C LEU A 241 -8.40 -20.67 20.94
N GLN A 242 -8.76 -21.92 20.68
CA GLN A 242 -10.15 -22.35 20.84
C GLN A 242 -10.52 -22.42 22.32
N GLU A 243 -9.56 -22.81 23.14
CA GLU A 243 -9.74 -22.81 24.59
C GLU A 243 -9.95 -21.39 25.10
N SER A 244 -9.24 -20.44 24.50
CA SER A 244 -9.37 -19.04 24.87
C SER A 244 -10.77 -18.52 24.58
N VAL A 245 -11.28 -18.82 23.40
CA VAL A 245 -12.61 -18.37 23.00
C VAL A 245 -13.69 -18.94 23.92
N LYS A 246 -13.58 -20.24 24.22
CA LYS A 246 -14.51 -20.88 25.14
C LYS A 246 -14.32 -20.33 26.55
N GLY A 247 -13.19 -19.67 26.79
CA GLY A 247 -12.89 -19.10 28.09
C GLY A 247 -13.42 -17.70 28.25
N GLY A 248 -13.78 -17.05 27.13
CA GLY A 248 -14.35 -15.73 27.19
C GLY A 248 -13.73 -14.73 26.23
N ILE A 249 -12.68 -15.15 25.52
CA ILE A 249 -12.01 -14.28 24.57
C ILE A 249 -12.88 -14.01 23.36
N ASN A 250 -12.95 -12.74 22.98
CA ASN A 250 -13.79 -12.32 21.86
C ASN A 250 -13.01 -11.57 20.78
N LYS A 251 -11.89 -10.98 21.16
CA LYS A 251 -11.01 -10.35 20.18
C LYS A 251 -9.61 -10.97 20.23
N VAL A 252 -9.15 -11.47 19.09
CA VAL A 252 -7.89 -12.18 19.02
C VAL A 252 -6.88 -11.46 18.13
N ASN A 253 -5.91 -10.81 18.76
CA ASN A 253 -4.89 -10.06 18.03
C ASN A 253 -3.97 -10.97 17.21
N THR A 254 -3.96 -10.76 15.90
CA THR A 254 -3.11 -11.53 14.99
C THR A 254 -2.29 -10.61 14.11
N ASP A 255 -0.97 -10.81 14.10
CA ASP A 255 -0.06 -9.96 13.36
C ASP A 255 1.13 -10.73 12.81
N THR A 256 1.84 -11.43 13.69
CA THR A 256 3.03 -12.18 13.30
C THR A 256 2.74 -13.18 12.19
N ASP A 257 1.66 -13.93 12.34
CA ASP A 257 1.27 -14.91 11.32
C ASP A 257 1.16 -14.27 9.94
N LEU A 258 0.57 -13.08 9.90
CA LEU A 258 0.39 -12.36 8.64
C LEU A 258 1.73 -11.95 8.04
N ARG A 259 2.59 -11.35 8.87
CA ARG A 259 3.92 -10.93 8.43
C ARG A 259 4.69 -12.09 7.81
N ILE A 260 4.83 -13.17 8.60
CA ILE A 260 5.63 -14.32 8.18
C ILE A 260 5.13 -14.94 6.88
N ALA A 261 3.84 -15.20 6.80
CA ALA A 261 3.24 -15.77 5.60
C ALA A 261 3.44 -14.86 4.40
N PHE A 262 3.41 -13.55 4.64
CA PHE A 262 3.57 -12.56 3.59
C PHE A 262 5.01 -12.53 3.07
N ILE A 263 5.96 -12.31 3.98
CA ILE A 263 7.37 -12.20 3.63
C ILE A 263 7.93 -13.52 3.08
N ALA A 264 7.32 -14.63 3.47
CA ALA A 264 7.73 -15.94 2.99
C ALA A 264 7.62 -16.00 1.47
N GLU A 265 6.51 -15.48 0.95
CA GLU A 265 6.27 -15.46 -0.49
C GLU A 265 7.17 -14.44 -1.17
N VAL A 266 7.52 -13.38 -0.45
CA VAL A 266 8.43 -12.37 -0.97
C VAL A 266 9.83 -12.93 -1.15
N ARG A 267 10.31 -13.61 -0.11
CA ARG A 267 11.63 -14.24 -0.16
C ARG A 267 11.68 -15.29 -1.25
N LYS A 268 10.61 -16.06 -1.38
CA LYS A 268 10.51 -17.10 -2.40
C LYS A 268 10.77 -16.52 -3.78
N VAL A 269 10.00 -15.52 -4.16
CA VAL A 269 10.11 -14.90 -5.48
C VAL A 269 11.52 -14.38 -5.73
N ALA A 270 12.15 -13.85 -4.69
CA ALA A 270 13.50 -13.31 -4.79
C ALA A 270 14.50 -14.41 -5.13
N ASN A 271 14.28 -15.60 -4.59
CA ASN A 271 15.16 -16.73 -4.83
C ASN A 271 14.87 -17.41 -6.16
N GLU A 272 13.59 -17.61 -6.45
CA GLU A 272 13.16 -18.28 -7.66
C GLU A 272 13.65 -17.55 -8.91
N ASP A 273 13.31 -16.26 -9.02
CA ASP A 273 13.71 -15.46 -10.16
C ASP A 273 14.47 -14.22 -9.70
N LYS A 274 15.78 -14.22 -9.93
CA LYS A 274 16.65 -13.13 -9.49
C LYS A 274 16.60 -11.92 -10.42
N SER A 275 15.92 -12.07 -11.55
CA SER A 275 15.76 -10.98 -12.50
C SER A 275 14.38 -10.36 -12.37
N GLN A 276 13.61 -10.83 -11.40
CA GLN A 276 12.26 -10.33 -11.17
C GLN A 276 12.27 -9.08 -10.30
N PHE A 277 11.71 -7.99 -10.82
CA PHE A 277 11.64 -6.74 -10.07
C PHE A 277 10.27 -6.07 -10.16
N ASP A 278 9.28 -6.83 -10.62
CA ASP A 278 7.91 -6.33 -10.66
C ASP A 278 7.26 -6.57 -9.30
N LEU A 279 7.00 -5.48 -8.57
CA LEU A 279 6.44 -5.57 -7.22
C LEU A 279 5.19 -6.44 -7.17
N ARG A 280 4.40 -6.40 -8.22
CA ARG A 280 3.14 -7.16 -8.28
C ARG A 280 3.40 -8.66 -8.31
N LYS A 281 4.54 -9.07 -8.85
CA LYS A 281 4.91 -10.47 -8.90
C LYS A 281 5.36 -10.97 -7.54
N PHE A 282 5.78 -10.05 -6.68
CA PHE A 282 6.23 -10.39 -5.34
C PHE A 282 5.06 -10.44 -4.36
N PHE A 283 4.16 -9.48 -4.48
CA PHE A 283 3.12 -9.26 -3.47
C PHE A 283 1.80 -9.99 -3.76
N SER A 284 1.58 -10.37 -5.01
CA SER A 284 0.39 -11.15 -5.36
C SER A 284 0.33 -12.47 -4.62
N PRO A 285 1.43 -13.24 -4.66
CA PRO A 285 1.48 -14.48 -3.88
C PRO A 285 1.51 -14.18 -2.38
N ALA A 286 2.14 -13.08 -2.00
CA ALA A 286 2.24 -12.70 -0.60
C ALA A 286 0.86 -12.39 -0.03
N GLN A 287 0.02 -11.76 -0.83
CA GLN A 287 -1.35 -11.47 -0.43
C GLN A 287 -2.14 -12.76 -0.26
N LEU A 288 -2.05 -13.63 -1.26
CA LEU A 288 -2.76 -14.91 -1.25
C LEU A 288 -2.44 -15.70 0.01
N ALA A 289 -1.15 -15.83 0.31
CA ALA A 289 -0.70 -16.56 1.50
C ALA A 289 -1.28 -15.94 2.76
N LEU A 290 -1.26 -14.61 2.82
CA LEU A 290 -1.80 -13.89 3.96
C LEU A 290 -3.31 -14.09 4.07
N LYS A 291 -3.98 -14.05 2.93
CA LYS A 291 -5.44 -14.18 2.90
C LYS A 291 -5.87 -15.54 3.45
N ASN A 292 -5.17 -16.60 3.04
CA ASN A 292 -5.49 -17.95 3.48
C ASN A 292 -5.27 -18.13 4.99
N VAL A 293 -4.27 -17.46 5.52
CA VAL A 293 -4.01 -17.49 6.97
C VAL A 293 -5.19 -16.88 7.72
N VAL A 294 -5.66 -15.74 7.23
CA VAL A 294 -6.78 -15.04 7.86
C VAL A 294 -8.07 -15.85 7.73
N LYS A 295 -8.29 -16.43 6.56
CA LYS A 295 -9.48 -17.24 6.31
C LYS A 295 -9.57 -18.42 7.26
N GLU A 296 -8.45 -19.11 7.46
CA GLU A 296 -8.41 -20.25 8.36
C GLU A 296 -8.62 -19.84 9.81
N ARG A 297 -8.06 -18.69 10.18
CA ARG A 297 -8.18 -18.18 11.54
C ARG A 297 -9.62 -17.80 11.85
N MET A 298 -10.30 -17.23 10.86
CA MET A 298 -11.70 -16.84 11.02
C MET A 298 -12.59 -18.04 11.33
N LYS A 299 -12.32 -19.15 10.64
CA LYS A 299 -13.10 -20.37 10.82
C LYS A 299 -12.73 -21.04 12.15
N LEU A 300 -11.47 -20.90 12.53
CA LEU A 300 -10.99 -21.44 13.80
C LEU A 300 -11.67 -20.73 14.98
N LEU A 301 -11.61 -19.41 14.97
CA LEU A 301 -12.19 -18.61 16.04
C LEU A 301 -13.71 -18.63 16.00
N GLY A 302 -14.27 -18.90 14.82
CA GLY A 302 -15.70 -19.07 14.67
C GLY A 302 -16.44 -17.80 14.29
N SER A 303 -15.76 -16.90 13.58
CA SER A 303 -16.38 -15.67 13.13
C SER A 303 -16.91 -15.81 11.70
N ALA A 304 -16.57 -16.93 11.08
CA ALA A 304 -17.02 -17.20 9.72
C ALA A 304 -18.53 -17.38 9.66
N ASN A 305 -19.15 -16.79 8.65
CA ASN A 305 -20.59 -16.93 8.43
C ASN A 305 -21.43 -16.21 9.49
N LYS A 306 -20.86 -15.21 10.13
CA LYS A 306 -21.58 -14.44 11.15
C LYS A 306 -22.21 -13.19 10.55
N ILE A 307 -21.96 -12.96 9.27
CA ILE A 307 -22.56 -11.83 8.57
C ILE A 307 -23.59 -12.31 7.56
N MET B 1 -3.23 18.15 -5.01
CA MET B 1 -4.52 18.53 -5.55
C MET B 1 -4.59 18.25 -7.04
N LEU B 2 -5.49 17.35 -7.43
CA LEU B 2 -5.61 16.93 -8.82
C LEU B 2 -5.87 18.09 -9.76
N VAL B 3 -5.08 18.16 -10.84
CA VAL B 3 -5.28 19.15 -11.88
C VAL B 3 -5.14 18.47 -13.24
N LYS B 4 -5.69 19.11 -14.27
CA LYS B 4 -5.60 18.58 -15.63
C LYS B 4 -4.15 18.31 -16.00
N GLY B 5 -3.90 17.18 -16.64
CA GLY B 5 -2.56 16.83 -17.08
C GLY B 5 -1.98 17.88 -18.00
N ASN B 6 -2.85 18.49 -18.82
CA ASN B 6 -2.43 19.53 -19.76
C ASN B 6 -1.96 20.79 -19.02
N GLU B 7 -2.65 21.12 -17.94
CA GLU B 7 -2.29 22.27 -17.11
C GLU B 7 -0.82 22.18 -16.67
N ILE B 8 -0.33 20.95 -16.52
CA ILE B 8 1.05 20.72 -16.11
C ILE B 8 1.99 20.69 -17.30
N LEU B 9 1.55 20.07 -18.38
CA LEU B 9 2.41 19.86 -19.55
C LEU B 9 2.50 21.08 -20.48
N LEU B 10 1.48 21.93 -20.45
CA LEU B 10 1.52 23.17 -21.23
C LEU B 10 2.56 24.13 -20.68
N LYS B 11 2.73 24.13 -19.37
CA LYS B 11 3.74 24.95 -18.73
C LYS B 11 5.13 24.43 -19.07
N ALA B 12 5.26 23.11 -19.06
CA ALA B 12 6.52 22.46 -19.41
C ALA B 12 6.84 22.66 -20.89
N HIS B 13 5.81 22.70 -21.71
CA HIS B 13 5.97 22.90 -23.14
C HIS B 13 6.44 24.32 -23.45
N LYS B 14 5.87 25.29 -22.75
CA LYS B 14 6.25 26.69 -22.93
C LYS B 14 7.70 26.94 -22.53
N GLU B 15 8.03 26.55 -21.31
CA GLU B 15 9.33 26.89 -20.72
C GLU B 15 10.44 25.91 -21.10
N GLY B 16 10.08 24.85 -21.81
CA GLY B 16 11.05 23.93 -22.36
C GLY B 16 11.74 23.02 -21.35
N TYR B 17 10.95 22.37 -20.50
CA TYR B 17 11.49 21.38 -19.59
C TYR B 17 10.57 20.15 -19.53
N GLY B 18 11.06 19.07 -18.93
CA GLY B 18 10.31 17.84 -18.87
C GLY B 18 9.85 17.47 -17.47
N VAL B 19 8.60 17.01 -17.37
CA VAL B 19 8.06 16.55 -16.11
C VAL B 19 8.00 15.03 -16.09
N GLY B 20 8.56 14.42 -15.06
CA GLY B 20 8.58 12.98 -14.94
C GLY B 20 7.22 12.39 -14.66
N ALA B 21 6.83 11.41 -15.47
CA ALA B 21 5.58 10.69 -15.26
C ALA B 21 5.89 9.33 -14.63
N PHE B 22 5.71 9.25 -13.32
CA PHE B 22 6.11 8.06 -12.56
C PHE B 22 4.96 7.11 -12.29
N ASN B 23 5.19 5.83 -12.55
CA ASN B 23 4.19 4.80 -12.31
C ASN B 23 4.19 4.32 -10.87
N PHE B 24 3.04 3.88 -10.39
CA PHE B 24 2.92 3.31 -9.04
C PHE B 24 1.92 2.17 -9.04
N VAL B 25 2.05 1.27 -8.07
CA VAL B 25 1.16 0.12 -7.97
C VAL B 25 0.60 -0.04 -6.56
N ASN B 26 1.18 0.68 -5.61
CA ASN B 26 0.73 0.60 -4.23
C ASN B 26 1.08 1.85 -3.42
N PHE B 27 1.01 1.74 -2.10
CA PHE B 27 1.27 2.87 -1.21
C PHE B 27 2.74 3.27 -1.17
N GLU B 28 3.62 2.28 -0.99
CA GLU B 28 5.05 2.53 -0.90
C GLU B 28 5.55 3.38 -2.07
N MET B 29 5.21 2.97 -3.28
CA MET B 29 5.63 3.69 -4.48
C MET B 29 5.06 5.11 -4.52
N LEU B 30 3.76 5.22 -4.21
CA LEU B 30 3.08 6.51 -4.26
C LEU B 30 3.65 7.50 -3.23
N ASN B 31 3.90 7.01 -2.02
CA ASN B 31 4.42 7.85 -0.95
C ASN B 31 5.78 8.44 -1.28
N ALA B 32 6.66 7.60 -1.82
CA ALA B 32 8.02 8.02 -2.14
C ALA B 32 8.05 9.04 -3.27
N ILE B 33 7.08 8.97 -4.16
CA ILE B 33 7.00 9.90 -5.28
C ILE B 33 6.58 11.29 -4.82
N PHE B 34 5.57 11.34 -3.96
CA PHE B 34 5.08 12.61 -3.42
C PHE B 34 6.14 13.30 -2.57
N GLU B 35 6.82 12.53 -1.73
CA GLU B 35 7.88 13.08 -0.88
C GLU B 35 9.04 13.61 -1.72
N ALA B 36 9.26 12.99 -2.88
CA ALA B 36 10.30 13.43 -3.78
C ALA B 36 9.91 14.76 -4.43
N GLY B 37 8.65 14.86 -4.84
CA GLY B 37 8.15 16.08 -5.44
C GLY B 37 8.09 17.22 -4.45
N ASN B 38 7.84 16.89 -3.18
CA ASN B 38 7.78 17.88 -2.11
C ASN B 38 9.14 18.48 -1.80
N GLU B 39 10.16 17.62 -1.80
CA GLU B 39 11.52 18.05 -1.44
C GLU B 39 12.26 18.64 -2.63
N GLU B 40 11.72 18.46 -3.82
CA GLU B 40 12.31 19.03 -5.03
C GLU B 40 11.45 20.16 -5.57
N ASN B 41 10.34 20.44 -4.89
CA ASN B 41 9.41 21.47 -5.34
C ASN B 41 9.07 21.30 -6.82
N SER B 42 8.74 20.06 -7.19
CA SER B 42 8.49 19.71 -8.59
C SER B 42 7.06 19.25 -8.81
N PRO B 43 6.50 19.58 -9.98
CA PRO B 43 5.18 19.07 -10.37
C PRO B 43 5.20 17.56 -10.42
N LEU B 44 4.07 16.93 -10.14
CA LEU B 44 4.00 15.46 -10.11
C LEU B 44 3.04 14.90 -11.15
N PHE B 45 3.54 14.03 -12.01
CA PHE B 45 2.70 13.34 -12.98
C PHE B 45 2.62 11.87 -12.59
N ILE B 46 1.57 11.50 -11.87
CA ILE B 46 1.41 10.14 -11.38
C ILE B 46 0.65 9.26 -12.36
N GLN B 47 1.28 8.15 -12.76
CA GLN B 47 0.70 7.28 -13.77
C GLN B 47 0.19 5.96 -13.18
N ALA B 48 -0.78 5.36 -13.86
CA ALA B 48 -1.31 4.07 -13.46
C ALA B 48 -1.71 3.25 -14.68
N SER B 49 -0.96 2.17 -14.94
CA SER B 49 -1.27 1.28 -16.04
C SER B 49 -2.54 0.50 -15.73
N GLU B 50 -3.17 -0.05 -16.77
CA GLU B 50 -4.38 -0.84 -16.59
C GLU B 50 -4.09 -2.09 -15.77
N GLY B 51 -2.85 -2.57 -15.83
CA GLY B 51 -2.43 -3.69 -15.02
C GLY B 51 -2.29 -3.30 -13.57
N ALA B 52 -1.97 -2.02 -13.34
CA ALA B 52 -1.84 -1.49 -11.98
C ALA B 52 -3.22 -1.22 -11.39
N ILE B 53 -4.13 -0.70 -12.21
CA ILE B 53 -5.50 -0.45 -11.78
C ILE B 53 -6.17 -1.76 -11.38
N LYS B 54 -6.04 -2.77 -12.23
CA LYS B 54 -6.54 -4.11 -11.93
C LYS B 54 -6.03 -4.57 -10.56
N TYR B 55 -4.75 -4.34 -10.31
CA TYR B 55 -4.10 -4.77 -9.09
C TYR B 55 -4.64 -4.03 -7.86
N MET B 56 -4.77 -2.71 -7.98
CA MET B 56 -5.20 -1.88 -6.87
C MET B 56 -6.71 -1.80 -6.74
N GLY B 57 -7.39 -1.77 -7.89
CA GLY B 57 -8.79 -1.40 -7.92
C GLY B 57 -8.84 0.10 -8.16
N ILE B 58 -9.49 0.52 -9.23
CA ILE B 58 -9.48 1.92 -9.64
C ILE B 58 -9.92 2.86 -8.52
N ASP B 59 -10.73 2.34 -7.61
CA ASP B 59 -11.22 3.14 -6.48
C ASP B 59 -10.10 3.47 -5.48
N MET B 60 -9.20 2.52 -5.27
CA MET B 60 -8.09 2.72 -4.35
C MET B 60 -7.00 3.57 -5.00
N ALA B 61 -6.85 3.43 -6.31
CA ALA B 61 -5.87 4.21 -7.06
C ALA B 61 -6.13 5.71 -6.92
N VAL B 62 -7.35 6.11 -7.23
CA VAL B 62 -7.74 7.51 -7.14
C VAL B 62 -7.85 7.96 -5.69
N GLY B 63 -8.37 7.07 -4.85
CA GLY B 63 -8.57 7.36 -3.43
C GLY B 63 -7.27 7.66 -2.71
N MET B 64 -6.23 6.90 -3.02
CA MET B 64 -4.93 7.09 -2.39
C MET B 64 -4.24 8.37 -2.85
N VAL B 65 -4.40 8.70 -4.14
CA VAL B 65 -3.82 9.91 -4.70
C VAL B 65 -4.49 11.14 -4.11
N LYS B 66 -5.81 11.08 -3.95
CA LYS B 66 -6.56 12.17 -3.35
C LYS B 66 -6.09 12.44 -1.92
N ILE B 67 -5.88 11.36 -1.16
CA ILE B 67 -5.37 11.47 0.20
C ILE B 67 -4.00 12.15 0.23
N MET B 68 -3.13 11.74 -0.70
CA MET B 68 -1.79 12.31 -0.79
C MET B 68 -1.83 13.78 -1.16
N CYS B 69 -2.79 14.13 -2.00
CA CYS B 69 -2.95 15.51 -2.42
C CYS B 69 -3.30 16.41 -1.24
N GLU B 70 -4.09 15.88 -0.31
CA GLU B 70 -4.51 16.64 0.86
C GLU B 70 -3.35 16.95 1.79
N ARG B 71 -2.44 15.98 1.96
CA ARG B 71 -1.29 16.19 2.84
C ARG B 71 -0.19 16.99 2.15
N TYR B 72 -0.29 17.13 0.83
CA TYR B 72 0.62 17.98 0.07
C TYR B 72 -0.16 18.91 -0.83
N PRO B 73 -0.89 19.88 -0.23
CA PRO B 73 -1.82 20.76 -0.94
C PRO B 73 -1.15 21.70 -1.93
N HIS B 74 0.14 21.98 -1.74
CA HIS B 74 0.82 22.99 -2.54
C HIS B 74 1.41 22.44 -3.84
N ILE B 75 1.30 21.12 -4.02
CA ILE B 75 1.89 20.45 -5.18
C ILE B 75 0.86 20.16 -6.28
N PRO B 76 1.14 20.62 -7.51
CA PRO B 76 0.33 20.30 -8.68
C PRO B 76 0.47 18.83 -9.04
N VAL B 77 -0.66 18.11 -9.07
CA VAL B 77 -0.63 16.67 -9.33
C VAL B 77 -1.64 16.25 -10.40
N ALA B 78 -1.17 15.49 -11.38
CA ALA B 78 -2.05 14.97 -12.42
C ALA B 78 -2.10 13.44 -12.35
N LEU B 79 -3.31 12.90 -12.31
CA LEU B 79 -3.50 11.46 -12.29
C LEU B 79 -3.76 10.95 -13.70
N HIS B 80 -2.79 10.20 -14.22
CA HIS B 80 -2.81 9.78 -15.63
C HIS B 80 -3.03 8.27 -15.82
N LEU B 81 -4.00 7.94 -16.66
CA LEU B 81 -4.21 6.55 -17.05
C LEU B 81 -3.17 6.18 -18.10
N ASP B 82 -2.27 5.27 -17.74
CA ASP B 82 -1.18 4.88 -18.62
C ASP B 82 -1.53 3.72 -19.54
N HIS B 83 -1.50 3.99 -20.85
CA HIS B 83 -1.73 2.97 -21.86
C HIS B 83 -3.13 2.35 -21.78
N GLY B 84 -4.15 3.19 -21.88
CA GLY B 84 -5.51 2.70 -22.01
C GLY B 84 -5.67 2.07 -23.37
N THR B 85 -6.27 0.89 -23.43
CA THR B 85 -6.37 0.13 -24.67
C THR B 85 -7.75 0.21 -25.33
N THR B 86 -8.72 0.75 -24.61
CA THR B 86 -10.07 0.88 -25.13
C THR B 86 -10.74 2.18 -24.69
N PHE B 87 -11.76 2.60 -25.44
CA PHE B 87 -12.57 3.76 -25.07
C PHE B 87 -13.17 3.56 -23.69
N GLU B 88 -13.68 2.36 -23.44
CA GLU B 88 -14.34 2.06 -22.18
C GLU B 88 -13.42 2.29 -20.99
N SER B 89 -12.18 1.81 -21.11
CA SER B 89 -11.21 1.96 -20.05
C SER B 89 -10.96 3.42 -19.72
N CYS B 90 -10.68 4.22 -20.76
CA CYS B 90 -10.46 5.65 -20.58
C CYS B 90 -11.68 6.31 -19.93
N GLU B 91 -12.87 5.87 -20.32
CA GLU B 91 -14.11 6.42 -19.78
C GLU B 91 -14.25 6.08 -18.30
N LYS B 92 -13.89 4.85 -17.94
CA LYS B 92 -13.91 4.43 -16.54
C LYS B 92 -12.96 5.26 -15.70
N ALA B 93 -11.80 5.57 -16.26
CA ALA B 93 -10.81 6.40 -15.57
C ALA B 93 -11.35 7.81 -15.37
N VAL B 94 -12.01 8.34 -16.39
CA VAL B 94 -12.61 9.67 -16.34
C VAL B 94 -13.67 9.74 -15.25
N LYS B 95 -14.50 8.71 -15.18
CA LYS B 95 -15.55 8.62 -14.18
C LYS B 95 -14.97 8.48 -12.78
N ALA B 96 -13.83 7.80 -12.68
CA ALA B 96 -13.21 7.51 -11.39
C ALA B 96 -12.54 8.75 -10.78
N GLY B 97 -12.11 9.68 -11.62
CA GLY B 97 -11.49 10.89 -11.12
C GLY B 97 -10.14 11.20 -11.75
N PHE B 98 -9.73 10.38 -12.71
CA PHE B 98 -8.49 10.61 -13.43
C PHE B 98 -8.54 11.95 -14.14
N THR B 99 -7.42 12.66 -14.15
CA THR B 99 -7.35 13.97 -14.80
C THR B 99 -6.61 13.88 -16.12
N SER B 100 -6.19 12.68 -16.48
CA SER B 100 -5.47 12.46 -17.73
C SER B 100 -5.56 10.99 -18.15
N VAL B 101 -5.83 10.77 -19.43
CA VAL B 101 -5.95 9.41 -19.94
C VAL B 101 -5.21 9.24 -21.26
N MET B 102 -4.52 8.11 -21.41
CA MET B 102 -3.85 7.79 -22.66
C MET B 102 -4.60 6.69 -23.41
N ILE B 103 -4.85 6.92 -24.70
CA ILE B 103 -5.46 5.91 -25.54
C ILE B 103 -4.44 5.37 -26.53
N ASP B 104 -3.89 4.21 -26.22
CA ASP B 104 -2.85 3.60 -27.04
C ASP B 104 -3.42 2.76 -28.17
N ALA B 105 -3.39 3.30 -29.39
CA ALA B 105 -3.87 2.59 -30.56
C ALA B 105 -2.83 2.60 -31.66
N SER B 106 -1.56 2.67 -31.27
CA SER B 106 -0.46 2.75 -32.23
C SER B 106 -0.38 1.52 -33.12
N HIS B 107 -0.91 0.41 -32.63
CA HIS B 107 -0.88 -0.85 -33.39
C HIS B 107 -1.85 -0.80 -34.56
N HIS B 108 -2.84 0.08 -34.48
CA HIS B 108 -3.81 0.26 -35.55
C HIS B 108 -3.21 1.04 -36.71
N ALA B 109 -3.94 1.09 -37.82
CA ALA B 109 -3.57 1.93 -38.95
C ALA B 109 -3.93 3.37 -38.62
N PHE B 110 -3.36 4.32 -39.35
CA PHE B 110 -3.54 5.73 -39.05
C PHE B 110 -5.01 6.12 -38.83
N GLU B 111 -5.85 5.76 -39.79
CA GLU B 111 -7.27 6.13 -39.73
C GLU B 111 -7.98 5.58 -38.50
N GLU B 112 -7.68 4.33 -38.17
CA GLU B 112 -8.28 3.68 -37.00
C GLU B 112 -7.82 4.35 -35.71
N ASN B 113 -6.51 4.56 -35.60
CA ASN B 113 -5.93 5.24 -34.45
C ASN B 113 -6.54 6.62 -34.25
N LEU B 114 -6.72 7.33 -35.37
CA LEU B 114 -7.24 8.69 -35.32
C LEU B 114 -8.70 8.74 -34.89
N GLU B 115 -9.50 7.81 -35.42
CA GLU B 115 -10.93 7.79 -35.11
C GLU B 115 -11.18 7.41 -33.66
N LEU B 116 -10.43 6.43 -33.16
CA LEU B 116 -10.57 5.98 -31.78
C LEU B 116 -10.07 7.06 -30.80
N THR B 117 -8.98 7.72 -31.16
CA THR B 117 -8.41 8.77 -30.34
C THR B 117 -9.34 9.98 -30.27
N SER B 118 -9.89 10.35 -31.43
CA SER B 118 -10.83 11.47 -31.49
C SER B 118 -12.05 11.21 -30.61
N LYS B 119 -12.53 9.97 -30.62
CA LYS B 119 -13.66 9.57 -29.80
C LYS B 119 -13.35 9.75 -28.32
N VAL B 120 -12.11 9.42 -27.94
CA VAL B 120 -11.66 9.56 -26.56
C VAL B 120 -11.54 11.02 -26.16
N VAL B 121 -11.05 11.84 -27.08
CA VAL B 121 -10.90 13.27 -26.84
C VAL B 121 -12.24 13.94 -26.59
N LYS B 122 -13.22 13.63 -27.46
CA LYS B 122 -14.57 14.16 -27.30
C LYS B 122 -15.12 13.86 -25.92
N MET B 123 -14.90 12.64 -25.45
CA MET B 123 -15.42 12.20 -24.15
C MET B 123 -14.67 12.83 -22.99
N ALA B 124 -13.34 12.80 -23.05
CA ALA B 124 -12.51 13.29 -21.95
C ALA B 124 -12.60 14.82 -21.82
N HIS B 125 -12.48 15.51 -22.94
CA HIS B 125 -12.56 16.96 -22.96
C HIS B 125 -13.89 17.46 -22.42
N ASN B 126 -14.94 16.66 -22.62
CA ASN B 126 -16.26 16.99 -22.10
C ASN B 126 -16.27 17.00 -20.58
N ALA B 127 -15.44 16.16 -19.98
CA ALA B 127 -15.38 16.04 -18.52
C ALA B 127 -14.17 16.77 -17.95
N GLY B 128 -13.47 17.53 -18.80
CA GLY B 128 -12.32 18.30 -18.37
C GLY B 128 -11.11 17.43 -18.07
N VAL B 129 -10.87 16.43 -18.91
CA VAL B 129 -9.74 15.54 -18.75
C VAL B 129 -8.83 15.56 -19.97
N SER B 130 -7.53 15.62 -19.73
CA SER B 130 -6.56 15.65 -20.82
C SER B 130 -6.37 14.28 -21.46
N VAL B 131 -5.89 14.26 -22.69
CA VAL B 131 -5.75 13.02 -23.44
C VAL B 131 -4.38 12.87 -24.07
N GLU B 132 -3.90 11.63 -24.08
CA GLU B 132 -2.62 11.34 -24.70
C GLU B 132 -2.78 10.24 -25.75
N ALA B 133 -2.11 10.41 -26.89
CA ALA B 133 -2.14 9.42 -27.95
C ALA B 133 -0.72 9.00 -28.31
N GLU B 134 -0.60 8.02 -29.21
CA GLU B 134 0.71 7.53 -29.61
C GLU B 134 0.80 7.17 -31.09
N LEU B 135 1.83 7.68 -31.75
CA LEU B 135 2.13 7.32 -33.13
C LEU B 135 3.51 6.67 -33.19
N GLY B 136 3.63 5.65 -34.04
CA GLY B 136 4.86 4.87 -34.10
C GLY B 136 4.74 3.65 -33.22
N ARG B 137 5.80 2.84 -33.17
CA ARG B 137 5.75 1.60 -32.40
C ARG B 137 6.97 1.43 -31.49
N LEU B 138 6.71 1.22 -30.21
CA LEU B 138 7.76 1.04 -29.21
C LEU B 138 8.46 -0.30 -29.38
N MET B 139 9.36 -0.38 -30.36
CA MET B 139 10.07 -1.62 -30.64
C MET B 139 11.54 -1.34 -30.94
N VAL B 153 7.56 1.46 -38.18
CA VAL B 153 8.24 1.42 -36.90
C VAL B 153 8.28 2.79 -36.25
N LEU B 154 9.12 3.68 -36.79
CA LEU B 154 9.24 5.03 -36.26
C LEU B 154 8.07 5.92 -36.68
N VAL B 155 7.95 7.08 -36.02
CA VAL B 155 6.84 7.99 -36.27
C VAL B 155 7.04 8.80 -37.55
N ASN B 156 5.95 9.03 -38.26
CA ASN B 156 5.97 9.88 -39.45
C ASN B 156 5.55 11.29 -39.09
N PRO B 157 6.48 12.20 -39.13
CA PRO B 157 6.22 13.59 -38.74
C PRO B 157 4.97 14.17 -39.40
N LYS B 158 4.78 13.87 -40.68
CA LYS B 158 3.63 14.39 -41.41
C LYS B 158 2.33 13.76 -40.90
N GLU B 159 2.40 12.49 -40.53
CA GLU B 159 1.26 11.83 -39.90
C GLU B 159 0.94 12.48 -38.57
N ALA B 160 1.98 12.77 -37.79
CA ALA B 160 1.82 13.42 -36.49
C ALA B 160 1.13 14.77 -36.64
N GLU B 161 1.51 15.51 -37.68
CA GLU B 161 0.95 16.84 -37.91
C GLU B 161 -0.56 16.77 -38.06
N GLN B 162 -1.02 15.96 -39.00
CA GLN B 162 -2.46 15.82 -39.23
C GLN B 162 -3.16 15.17 -38.05
N PHE B 163 -2.55 14.12 -37.50
CA PHE B 163 -3.11 13.40 -36.37
C PHE B 163 -3.45 14.35 -35.23
N VAL B 164 -2.50 15.18 -34.84
CA VAL B 164 -2.70 16.14 -33.76
C VAL B 164 -3.75 17.19 -34.13
N LYS B 165 -3.76 17.60 -35.39
CA LYS B 165 -4.67 18.65 -35.84
C LYS B 165 -6.14 18.21 -35.80
N GLU B 166 -6.39 16.98 -36.22
CA GLU B 166 -7.76 16.50 -36.40
C GLU B 166 -8.31 15.84 -35.13
N SER B 167 -7.42 15.31 -34.29
CA SER B 167 -7.85 14.66 -33.05
C SER B 167 -7.96 15.68 -31.92
N GLN B 168 -7.19 16.75 -32.02
CA GLN B 168 -7.14 17.77 -30.98
C GLN B 168 -6.67 17.17 -29.65
N VAL B 169 -5.83 16.15 -29.74
CA VAL B 169 -5.28 15.50 -28.55
C VAL B 169 -4.33 16.46 -27.84
N ASP B 170 -4.28 16.38 -26.51
CA ASP B 170 -3.51 17.32 -25.70
C ASP B 170 -2.00 17.12 -25.84
N TYR B 171 -1.54 15.88 -25.80
CA TYR B 171 -0.14 15.58 -26.02
C TYR B 171 0.07 14.26 -26.77
N LEU B 172 1.18 14.16 -27.48
CA LEU B 172 1.46 13.02 -28.35
C LEU B 172 2.74 12.29 -27.96
N ALA B 173 2.73 10.96 -28.11
CA ALA B 173 3.91 10.16 -27.84
C ALA B 173 4.50 9.60 -29.13
N PRO B 174 5.55 10.26 -29.65
CA PRO B 174 6.20 9.87 -30.90
C PRO B 174 7.22 8.74 -30.69
N ALA B 175 7.11 7.68 -31.47
CA ALA B 175 8.06 6.58 -31.40
C ALA B 175 9.37 6.98 -32.07
N ILE B 176 10.43 7.12 -31.27
CA ILE B 176 11.73 7.54 -31.79
C ILE B 176 12.84 6.58 -31.43
N GLY B 177 12.49 5.39 -30.95
CA GLY B 177 13.46 4.34 -30.74
C GLY B 177 13.48 3.68 -29.38
N THR B 178 12.58 4.07 -28.50
CA THR B 178 12.55 3.52 -27.14
C THR B 178 11.52 2.42 -26.95
N SER B 179 11.57 1.79 -25.78
CA SER B 179 10.64 0.73 -25.42
C SER B 179 10.79 0.44 -23.93
N HIS B 180 9.73 -0.07 -23.31
CA HIS B 180 9.73 -0.35 -21.88
C HIS B 180 10.67 -1.50 -21.52
N GLY B 181 10.96 -1.65 -20.24
CA GLY B 181 11.84 -2.71 -19.78
C GLY B 181 13.27 -2.27 -19.56
N ALA B 182 14.05 -3.12 -18.90
CA ALA B 182 15.45 -2.82 -18.62
C ALA B 182 16.34 -3.14 -19.81
N PHE B 183 15.74 -3.62 -20.89
CA PHE B 183 16.49 -3.99 -22.08
C PHE B 183 15.95 -3.26 -23.32
N LYS B 184 16.34 -1.99 -23.47
CA LYS B 184 15.84 -1.16 -24.56
C LYS B 184 16.70 -1.29 -25.82
N PHE B 185 18.01 -1.31 -25.63
CA PHE B 185 18.94 -1.33 -26.76
C PHE B 185 19.82 -2.58 -26.76
N LYS B 186 19.67 -3.41 -27.79
CA LYS B 186 20.54 -4.56 -27.97
C LYS B 186 21.81 -4.13 -28.70
N GLY B 187 22.37 -2.99 -28.26
CA GLY B 187 23.56 -2.42 -28.87
C GLY B 187 23.83 -1.05 -28.29
N GLU B 188 24.22 -0.11 -29.14
CA GLU B 188 24.45 1.25 -28.69
C GLU B 188 23.15 2.06 -28.68
N PRO B 189 22.75 2.54 -27.50
CA PRO B 189 21.53 3.34 -27.33
C PRO B 189 21.41 4.42 -28.39
N LYS B 190 20.36 4.35 -29.21
CA LYS B 190 20.22 5.25 -30.34
C LYS B 190 18.78 5.72 -30.50
N LEU B 191 18.59 7.04 -30.51
CA LEU B 191 17.27 7.62 -30.69
C LEU B 191 17.28 8.62 -31.84
N ASP B 192 16.16 8.70 -32.56
CA ASP B 192 16.06 9.58 -33.71
C ASP B 192 15.66 11.00 -33.28
N PHE B 193 16.65 11.82 -32.97
CA PHE B 193 16.42 13.17 -32.49
C PHE B 193 16.02 14.12 -33.62
N GLU B 194 16.46 13.82 -34.84
CA GLU B 194 16.10 14.62 -35.99
C GLU B 194 14.61 14.46 -36.29
N ARG B 195 14.10 13.28 -36.02
CA ARG B 195 12.68 12.98 -36.22
C ARG B 195 11.83 13.63 -35.13
N LEU B 196 12.36 13.62 -33.91
CA LEU B 196 11.70 14.23 -32.77
C LEU B 196 11.47 15.73 -32.98
N GLN B 197 12.48 16.40 -33.53
CA GLN B 197 12.43 17.84 -33.74
C GLN B 197 11.44 18.23 -34.85
N GLU B 198 11.35 17.39 -35.87
CA GLU B 198 10.38 17.59 -36.94
C GLU B 198 8.96 17.50 -36.38
N VAL B 199 8.73 16.48 -35.56
CA VAL B 199 7.43 16.29 -34.93
C VAL B 199 7.05 17.49 -34.06
N LYS B 200 8.01 17.96 -33.26
CA LYS B 200 7.78 19.08 -32.37
C LYS B 200 7.43 20.34 -33.15
N ARG B 201 8.11 20.55 -34.28
CA ARG B 201 7.90 21.73 -35.10
C ARG B 201 6.54 21.69 -35.81
N LEU B 202 6.10 20.49 -36.17
CA LEU B 202 4.88 20.33 -36.95
C LEU B 202 3.63 20.26 -36.08
N THR B 203 3.78 19.82 -34.84
CA THR B 203 2.64 19.68 -33.93
C THR B 203 2.55 20.82 -32.94
N ASN B 204 3.70 21.25 -32.41
CA ASN B 204 3.74 22.33 -31.42
C ASN B 204 2.89 22.05 -30.19
N ILE B 205 3.00 20.83 -29.67
CA ILE B 205 2.30 20.44 -28.46
C ILE B 205 3.25 19.66 -27.56
N PRO B 206 2.89 19.49 -26.27
CA PRO B 206 3.71 18.67 -25.38
C PRO B 206 3.89 17.27 -25.95
N LEU B 207 5.12 16.74 -25.87
CA LEU B 207 5.40 15.39 -26.36
C LEU B 207 5.77 14.45 -25.22
N VAL B 208 5.42 13.18 -25.36
CA VAL B 208 5.69 12.19 -24.32
C VAL B 208 6.72 11.16 -24.78
N LEU B 209 7.60 10.76 -23.88
CA LEU B 209 8.60 9.74 -24.17
C LEU B 209 8.37 8.49 -23.31
N HIS B 210 8.04 7.38 -23.96
CA HIS B 210 7.82 6.13 -23.26
C HIS B 210 9.13 5.35 -23.12
N GLY B 211 9.16 4.41 -22.19
CA GLY B 211 10.35 3.61 -21.96
C GLY B 211 11.57 4.49 -21.81
N ALA B 212 11.51 5.41 -20.85
CA ALA B 212 12.56 6.42 -20.71
C ALA B 212 13.41 6.23 -19.46
N SER B 213 13.33 5.05 -18.85
CA SER B 213 14.17 4.73 -17.71
C SER B 213 15.64 4.73 -18.14
N ALA B 214 16.53 5.05 -17.21
CA ALA B 214 17.95 5.19 -17.51
C ALA B 214 18.79 4.06 -16.94
N ILE B 215 18.27 3.43 -15.88
CA ILE B 215 19.02 2.40 -15.18
C ILE B 215 20.36 2.96 -14.72
N PRO B 216 20.33 3.98 -13.84
CA PRO B 216 21.56 4.63 -13.35
C PRO B 216 22.57 3.64 -12.79
N ASP B 217 23.84 4.01 -12.83
CA ASP B 217 24.91 3.15 -12.32
C ASP B 217 24.70 2.73 -10.87
N ASN B 218 24.29 3.68 -10.03
CA ASN B 218 24.06 3.40 -8.62
C ASN B 218 22.90 2.42 -8.39
N VAL B 219 21.86 2.56 -9.21
CA VAL B 219 20.69 1.70 -9.10
C VAL B 219 21.02 0.27 -9.54
N ARG B 220 21.76 0.14 -10.64
CA ARG B 220 22.18 -1.16 -11.14
C ARG B 220 23.09 -1.84 -10.13
N LYS B 221 24.03 -1.07 -9.57
CA LYS B 221 24.99 -1.60 -8.62
C LYS B 221 24.31 -2.21 -7.41
N SER B 222 23.38 -1.45 -6.81
CA SER B 222 22.67 -1.90 -5.63
C SER B 222 21.89 -3.18 -5.90
N TYR B 223 21.29 -3.27 -7.08
CA TYR B 223 20.50 -4.44 -7.45
C TYR B 223 21.38 -5.68 -7.60
N LEU B 224 22.54 -5.52 -8.21
CA LEU B 224 23.45 -6.63 -8.42
C LEU B 224 24.09 -7.10 -7.11
N ASP B 225 24.37 -6.15 -6.23
CA ASP B 225 24.94 -6.46 -4.93
C ASP B 225 24.00 -7.35 -4.12
N ALA B 226 22.70 -7.10 -4.25
CA ALA B 226 21.70 -7.85 -3.50
C ALA B 226 21.38 -9.19 -4.16
N GLY B 227 22.24 -9.62 -5.09
CA GLY B 227 22.08 -10.90 -5.75
C GLY B 227 21.08 -10.87 -6.89
N GLY B 228 20.81 -9.66 -7.39
CA GLY B 228 19.89 -9.50 -8.50
C GLY B 228 20.57 -9.69 -9.84
N ASP B 229 19.78 -10.01 -10.87
CA ASP B 229 20.32 -10.24 -12.21
C ASP B 229 19.83 -9.21 -13.21
N LEU B 230 20.70 -8.27 -13.57
CA LEU B 230 20.40 -7.28 -14.59
C LEU B 230 21.38 -7.39 -15.75
N LYS B 231 21.88 -8.60 -15.99
CA LYS B 231 22.86 -8.83 -17.05
C LYS B 231 22.37 -8.43 -18.43
N GLY B 232 23.05 -7.47 -19.05
CA GLY B 232 22.72 -7.04 -20.39
C GLY B 232 21.68 -5.94 -20.43
N SER B 233 21.27 -5.45 -19.26
CA SER B 233 20.27 -4.40 -19.19
C SER B 233 20.84 -3.07 -19.70
N LYS B 234 19.98 -2.26 -20.31
CA LYS B 234 20.41 -0.99 -20.87
C LYS B 234 19.22 -0.03 -21.05
N GLY B 235 19.28 1.09 -20.34
CA GLY B 235 18.25 2.11 -20.46
C GLY B 235 18.73 3.31 -21.25
N VAL B 236 17.94 4.38 -21.26
CA VAL B 236 18.30 5.60 -21.96
C VAL B 236 19.25 6.45 -21.11
N PRO B 237 20.50 6.63 -21.58
CA PRO B 237 21.52 7.40 -20.86
C PRO B 237 21.03 8.79 -20.47
N PHE B 238 21.54 9.33 -19.37
CA PHE B 238 21.15 10.67 -18.93
C PHE B 238 21.36 11.69 -20.04
N GLU B 239 22.40 11.49 -20.84
CA GLU B 239 22.72 12.37 -21.94
C GLU B 239 21.54 12.47 -22.91
N PHE B 240 21.01 11.31 -23.28
CA PHE B 240 19.92 11.23 -24.25
C PHE B 240 18.62 11.81 -23.70
N LEU B 241 18.37 11.54 -22.41
CA LEU B 241 17.16 12.04 -21.76
C LEU B 241 17.10 13.56 -21.82
N GLN B 242 18.26 14.19 -21.67
CA GLN B 242 18.35 15.65 -21.72
C GLN B 242 18.23 16.16 -23.15
N GLU B 243 18.77 15.40 -24.09
CA GLU B 243 18.64 15.72 -25.51
C GLU B 243 17.18 15.64 -25.94
N SER B 244 16.44 14.70 -25.36
CA SER B 244 15.03 14.55 -25.66
C SER B 244 14.24 15.77 -25.22
N VAL B 245 14.51 16.24 -24.01
CA VAL B 245 13.84 17.41 -23.47
C VAL B 245 14.11 18.64 -24.32
N LYS B 246 15.39 18.84 -24.66
CA LYS B 246 15.78 19.92 -25.56
C LYS B 246 15.05 19.74 -26.89
N GLY B 247 14.83 18.49 -27.27
CA GLY B 247 14.18 18.18 -28.53
C GLY B 247 12.69 18.44 -28.52
N GLY B 248 12.11 18.54 -27.33
CA GLY B 248 10.70 18.87 -27.21
C GLY B 248 9.92 17.94 -26.30
N ILE B 249 10.59 17.00 -25.67
CA ILE B 249 9.94 16.07 -24.77
C ILE B 249 9.57 16.75 -23.46
N ASN B 250 8.31 16.66 -23.08
CA ASN B 250 7.80 17.33 -21.89
C ASN B 250 7.29 16.34 -20.84
N LYS B 251 6.92 15.16 -21.30
CA LYS B 251 6.45 14.10 -20.41
C LYS B 251 7.33 12.86 -20.53
N VAL B 252 7.99 12.49 -19.43
CA VAL B 252 8.94 11.39 -19.44
C VAL B 252 8.48 10.23 -18.57
N ASN B 253 8.00 9.16 -19.21
CA ASN B 253 7.54 7.98 -18.49
C ASN B 253 8.68 7.21 -17.82
N THR B 254 8.57 7.02 -16.51
CA THR B 254 9.58 6.29 -15.75
C THR B 254 8.93 5.24 -14.86
N ASP B 255 9.35 3.99 -15.02
CA ASP B 255 8.77 2.89 -14.27
C ASP B 255 9.82 1.87 -13.85
N THR B 256 10.55 1.33 -14.81
CA THR B 256 11.56 0.32 -14.56
C THR B 256 12.56 0.77 -13.50
N ASP B 257 13.03 2.01 -13.62
CA ASP B 257 13.97 2.57 -12.65
C ASP B 257 13.42 2.50 -11.23
N LEU B 258 12.16 2.87 -11.08
CA LEU B 258 11.51 2.86 -9.77
C LEU B 258 11.44 1.44 -9.22
N ARG B 259 11.06 0.50 -10.07
CA ARG B 259 10.96 -0.91 -9.66
C ARG B 259 12.29 -1.47 -9.18
N ILE B 260 13.32 -1.33 -10.01
CA ILE B 260 14.64 -1.87 -9.70
C ILE B 260 15.19 -1.32 -8.40
N ALA B 261 15.17 0.00 -8.24
CA ALA B 261 15.66 0.65 -7.04
C ALA B 261 14.89 0.18 -5.80
N PHE B 262 13.61 -0.09 -5.97
CA PHE B 262 12.76 -0.53 -4.86
C PHE B 262 13.08 -1.96 -4.44
N ILE B 263 13.10 -2.86 -5.42
CA ILE B 263 13.37 -4.26 -5.15
C ILE B 263 14.81 -4.50 -4.70
N ALA B 264 15.71 -3.59 -5.07
CA ALA B 264 17.11 -3.71 -4.68
C ALA B 264 17.27 -3.71 -3.16
N GLU B 265 16.49 -2.86 -2.50
CA GLU B 265 16.53 -2.78 -1.04
C GLU B 265 15.81 -3.96 -0.40
N VAL B 266 14.74 -4.41 -1.06
CA VAL B 266 13.98 -5.56 -0.57
C VAL B 266 14.85 -6.80 -0.57
N ARG B 267 15.53 -7.05 -1.69
CA ARG B 267 16.44 -8.19 -1.80
C ARG B 267 17.56 -8.08 -0.78
N LYS B 268 18.08 -6.87 -0.59
CA LYS B 268 19.15 -6.65 0.38
C LYS B 268 18.71 -7.06 1.77
N VAL B 269 17.61 -6.47 2.25
CA VAL B 269 17.09 -6.77 3.57
C VAL B 269 16.87 -8.26 3.78
N ALA B 270 16.40 -8.93 2.74
CA ALA B 270 16.15 -10.36 2.80
C ALA B 270 17.45 -11.14 2.99
N ASN B 271 18.54 -10.61 2.45
CA ASN B 271 19.85 -11.25 2.55
C ASN B 271 20.53 -10.97 3.89
N GLU B 272 20.53 -9.71 4.29
CA GLU B 272 21.19 -9.28 5.53
C GLU B 272 20.65 -10.03 6.74
N ASP B 273 19.32 -10.02 6.89
CA ASP B 273 18.68 -10.63 8.05
C ASP B 273 17.57 -11.57 7.59
N LYS B 274 17.78 -12.87 7.77
CA LYS B 274 16.85 -13.88 7.30
C LYS B 274 15.73 -14.17 8.29
N SER B 275 15.77 -13.50 9.43
CA SER B 275 14.73 -13.64 10.44
C SER B 275 13.83 -12.41 10.43
N GLN B 276 14.05 -11.53 9.45
CA GLN B 276 13.27 -10.31 9.33
C GLN B 276 11.99 -10.54 8.54
N PHE B 277 10.85 -10.32 9.18
CA PHE B 277 9.56 -10.43 8.50
C PHE B 277 8.66 -9.22 8.79
N ASP B 278 9.27 -8.13 9.22
CA ASP B 278 8.54 -6.88 9.43
C ASP B 278 8.53 -6.09 8.12
N LEU B 279 7.38 -6.03 7.47
CA LEU B 279 7.25 -5.38 6.16
C LEU B 279 7.86 -3.99 6.14
N ARG B 280 7.66 -3.23 7.22
CA ARG B 280 8.15 -1.85 7.31
C ARG B 280 9.68 -1.79 7.23
N LYS B 281 10.33 -2.86 7.64
CA LYS B 281 11.79 -2.94 7.59
C LYS B 281 12.26 -3.26 6.18
N PHE B 282 11.36 -3.79 5.37
CA PHE B 282 11.67 -4.11 3.98
C PHE B 282 11.39 -2.93 3.07
N PHE B 283 10.31 -2.22 3.35
CA PHE B 283 9.82 -1.18 2.43
C PHE B 283 10.27 0.23 2.79
N SER B 284 10.85 0.40 3.98
CA SER B 284 11.37 1.71 4.38
C SER B 284 12.60 2.10 3.57
N PRO B 285 13.58 1.19 3.46
CA PRO B 285 14.75 1.47 2.61
C PRO B 285 14.35 1.53 1.15
N ALA B 286 13.35 0.73 0.77
CA ALA B 286 12.88 0.69 -0.61
C ALA B 286 12.28 2.02 -1.01
N GLN B 287 11.46 2.60 -0.14
CA GLN B 287 10.86 3.91 -0.40
C GLN B 287 11.94 4.97 -0.56
N LEU B 288 12.92 4.95 0.33
CA LEU B 288 14.01 5.92 0.30
C LEU B 288 14.79 5.84 -1.01
N ALA B 289 15.13 4.62 -1.42
CA ALA B 289 15.90 4.40 -2.64
C ALA B 289 15.09 4.82 -3.87
N LEU B 290 13.77 4.65 -3.80
CA LEU B 290 12.89 5.02 -4.90
C LEU B 290 12.71 6.53 -4.94
N LYS B 291 12.60 7.15 -3.77
CA LYS B 291 12.44 8.60 -3.68
C LYS B 291 13.66 9.32 -4.26
N ASN B 292 14.85 8.81 -3.96
CA ASN B 292 16.09 9.40 -4.45
C ASN B 292 16.22 9.34 -5.96
N VAL B 293 15.81 8.22 -6.54
CA VAL B 293 15.80 8.07 -8.00
C VAL B 293 14.91 9.12 -8.63
N VAL B 294 13.74 9.31 -8.03
CA VAL B 294 12.78 10.29 -8.52
C VAL B 294 13.32 11.70 -8.36
N LYS B 295 13.89 12.00 -7.19
CA LYS B 295 14.46 13.31 -6.92
C LYS B 295 15.52 13.67 -7.96
N GLU B 296 16.40 12.72 -8.25
CA GLU B 296 17.46 12.94 -9.23
C GLU B 296 16.91 13.12 -10.63
N ARG B 297 15.87 12.38 -10.96
CA ARG B 297 15.25 12.46 -12.29
C ARG B 297 14.58 13.82 -12.50
N MET B 298 13.96 14.34 -11.45
CA MET B 298 13.30 15.63 -11.52
C MET B 298 14.29 16.75 -11.85
N LYS B 299 15.46 16.69 -11.21
CA LYS B 299 16.50 17.69 -11.44
C LYS B 299 17.09 17.51 -12.83
N LEU B 300 17.12 16.27 -13.29
CA LEU B 300 17.68 15.95 -14.59
C LEU B 300 16.83 16.56 -15.71
N LEU B 301 15.51 16.44 -15.56
CA LEU B 301 14.58 16.90 -16.59
C LEU B 301 14.27 18.38 -16.44
N GLY B 302 14.56 18.94 -15.27
CA GLY B 302 14.36 20.36 -15.03
C GLY B 302 12.98 20.72 -14.51
N SER B 303 12.36 19.78 -13.81
CA SER B 303 11.04 20.00 -13.23
C SER B 303 11.16 20.47 -11.78
N ALA B 304 12.39 20.47 -11.27
CA ALA B 304 12.65 20.88 -9.90
C ALA B 304 12.47 22.39 -9.74
N ASN B 305 11.89 22.80 -8.63
CA ASN B 305 11.72 24.22 -8.31
C ASN B 305 10.79 24.94 -9.29
N LYS B 306 9.87 24.19 -9.90
CA LYS B 306 8.93 24.78 -10.85
C LYS B 306 7.64 25.21 -10.16
N ILE B 307 7.56 25.01 -8.86
CA ILE B 307 6.40 25.43 -8.09
C ILE B 307 6.79 26.46 -7.04
ZN ZN C . -0.56 -6.43 21.46
N3 PH4 D . -0.60 -6.74 18.49
C4 PH4 D . 0.19 -6.16 17.41
C5 PH4 D . 1.02 -4.97 17.98
C6 PH4 D . 1.75 -4.25 16.83
O62 PH4 D . 3.29 -2.81 14.83
P6 PH4 D . 4.10 -3.24 16.19
O63 PH4 D . 5.43 -4.13 15.80
O61 PH4 D . 4.52 -2.03 16.90
O6 PH4 D . 3.11 -4.13 17.17
O3 PH4 D . -1.53 -5.96 19.19
C2 PH4 D . -0.45 -8.16 18.81
O2 PH4 D . -1.09 -8.65 19.68
C1 PH4 D . 0.57 -9.03 18.04
O1 PH4 D . 0.39 -10.38 18.39
P1 PH4 D . 1.31 -11.53 17.65
O12 PH4 D . 2.89 -11.05 17.61
O13 PH4 D . 0.77 -11.76 16.11
O11 PH4 D . 1.21 -12.79 18.39
ZN ZN E . 4.69 3.22 -22.07
N3 PH4 F . 5.32 3.05 -19.14
C4 PH4 F . 5.06 2.06 -18.10
C5 PH4 F . 3.85 1.18 -18.50
C6 PH4 F . 3.49 0.23 -17.35
O62 PH4 F . 4.10 -3.40 -16.68
P6 PH4 F . 2.89 -2.29 -16.85
O63 PH4 F . 2.50 -1.66 -15.38
O61 PH4 F . 1.72 -2.93 -17.43
O6 PH4 F . 3.41 -1.08 -17.84
O3 PH4 F . 4.27 3.85 -19.63
C2 PH4 F . 6.67 3.22 -19.68
O2 PH4 F . 6.88 4.02 -20.53
C1 PH4 F . 7.82 2.34 -19.15
O1 PH4 F . 9.02 3.06 -19.21
P1 PH4 F . 10.39 2.42 -18.55
O12 PH4 F . 11.71 2.99 -19.36
O13 PH4 F . 10.34 0.77 -18.67
O11 PH4 F . 10.49 2.80 -17.15
#